data_4DHS
#
_entry.id   4DHS
#
_cell.length_a   81.960
_cell.length_b   111.950
_cell.length_c   62.310
_cell.angle_alpha   90.00
_cell.angle_beta   90.00
_cell.angle_gamma   90.00
#
_symmetry.space_group_name_H-M   'C 2 2 21'
#
loop_
_entity.id
_entity.type
_entity.pdbx_description
1 polymer '14-3-3 PROTEIN SIGMA'
2 non-polymer 'MAGNESIUM ION'
3 non-polymer 'CHLORIDE ION'
4 non-polymer GLYCEROL
5 non-polymer '(2-{2-[(3,5-dichlorophenyl)amino]-2-oxoethoxy}phenyl)phosphonic acid'
6 water water
#
_entity_poly.entity_id   1
_entity_poly.type   'polypeptide(L)'
_entity_poly.pdbx_seq_one_letter_code
;AMGSMERASLIQKAKLAEQAERYEDMAAFMKGAVEKGEELS(CSO)EERNLLSVAYKNVVGGQRAAWRVLSSIEQKSNEE
GSEEKGPEVREYREKVETELQGVCDTVLGLLDSHLIKEAGDAESRVFYLKMKGDYYRYLAEVATGDDKKRIIDSARSAYQ
EAMDISKKEMPPTNPIRLGLALNFSVFHYEIANSPEEAISLAKTTFDEAMADLHTLSEDSYKDSTLIMQLLRDNLTLWT
;
_entity_poly.pdbx_strand_id   A
#
loop_
_chem_comp.id
_chem_comp.type
_chem_comp.name
_chem_comp.formula
CL non-polymer 'CHLORIDE ION' 'Cl -1'
GOL non-polymer GLYCEROL 'C3 H8 O3'
MG non-polymer 'MAGNESIUM ION' 'Mg 2'
Y03 non-polymer '(2-{2-[(3,5-dichlorophenyl)amino]-2-oxoethoxy}phenyl)phosphonic acid' 'C14 H12 Cl2 N O5 P'
#
# COMPACT_ATOMS: atom_id res chain seq x y z
N ALA A 1 6.31 13.16 19.87
CA ALA A 1 5.69 13.01 21.22
C ALA A 1 5.92 11.61 21.77
N MET A 2 6.47 10.69 20.95
CA MET A 2 6.68 9.38 21.49
C MET A 2 8.13 9.13 21.89
N GLY A 3 8.93 10.21 21.82
CA GLY A 3 10.37 10.13 22.12
C GLY A 3 10.74 9.57 23.49
N SER A 4 9.84 9.75 24.45
CA SER A 4 10.17 9.26 25.79
C SER A 4 9.68 7.85 26.07
N MET A 5 8.91 7.26 25.13
CA MET A 5 8.38 5.91 25.36
C MET A 5 9.31 4.81 24.79
N GLU A 6 9.56 3.77 25.57
CA GLU A 6 10.37 2.60 25.09
C GLU A 6 9.83 2.06 23.78
N ARG A 7 10.76 1.63 22.92
CA ARG A 7 10.36 0.97 21.67
C ARG A 7 9.40 -0.17 21.95
N ALA A 8 9.73 -1.05 22.91
CA ALA A 8 8.90 -2.24 23.11
C ALA A 8 7.49 -1.83 23.57
N SER A 9 7.41 -0.73 24.35
CA SER A 9 6.11 -0.26 24.91
C SER A 9 5.27 0.33 23.78
N LEU A 10 5.92 1.03 22.85
CA LEU A 10 5.23 1.54 21.65
C LEU A 10 4.62 0.37 20.83
N ILE A 11 5.39 -0.70 20.61
CA ILE A 11 4.88 -1.87 19.87
CA ILE A 11 4.83 -1.79 19.84
C ILE A 11 3.72 -2.53 20.60
N GLN A 12 3.90 -2.73 21.91
CA GLN A 12 2.82 -3.31 22.71
C GLN A 12 1.53 -2.47 22.61
N LYS A 13 1.66 -1.14 22.77
CA LYS A 13 0.50 -0.25 22.68
C LYS A 13 -0.10 -0.20 21.26
N ALA A 14 0.74 -0.32 20.22
CA ALA A 14 0.17 -0.43 18.84
C ALA A 14 -0.75 -1.65 18.74
N LYS A 15 -0.33 -2.76 19.33
CA LYS A 15 -1.15 -4.00 19.31
C LYS A 15 -2.44 -3.82 20.11
N LEU A 16 -2.34 -3.17 21.24
CA LEU A 16 -3.55 -2.81 22.03
C LEU A 16 -4.51 -1.91 21.27
N ALA A 17 -3.98 -0.87 20.64
CA ALA A 17 -4.76 0.09 19.85
C ALA A 17 -5.44 -0.65 18.69
N GLU A 18 -4.74 -1.60 18.08
CA GLU A 18 -5.38 -2.39 17.01
C GLU A 18 -6.61 -3.19 17.55
N GLN A 19 -6.46 -3.81 18.72
CA GLN A 19 -7.58 -4.55 19.36
C GLN A 19 -8.77 -3.64 19.68
N ALA A 20 -8.46 -2.41 20.07
CA ALA A 20 -9.44 -1.40 20.46
C ALA A 20 -9.99 -0.65 19.26
N GLU A 21 -9.52 -1.01 18.06
CA GLU A 21 -9.81 -0.30 16.81
C GLU A 21 -9.50 1.21 16.83
N ARG A 22 -8.39 1.57 17.47
CA ARG A 22 -7.99 2.95 17.61
C ARG A 22 -6.82 3.15 16.65
N TYR A 23 -7.14 3.28 15.37
CA TYR A 23 -6.07 3.23 14.34
C TYR A 23 -5.20 4.46 14.27
N GLU A 24 -5.76 5.63 14.59
CA GLU A 24 -4.92 6.83 14.68
CA GLU A 24 -4.94 6.85 14.71
C GLU A 24 -3.87 6.62 15.80
N ASP A 25 -4.31 6.12 16.96
CA ASP A 25 -3.35 5.85 18.03
C ASP A 25 -2.32 4.80 17.56
N MET A 26 -2.82 3.76 16.92
CA MET A 26 -1.94 2.70 16.45
C MET A 26 -0.86 3.28 15.54
N ALA A 27 -1.25 4.18 14.61
CA ALA A 27 -0.29 4.78 13.70
C ALA A 27 0.71 5.65 14.45
N ALA A 28 0.24 6.46 15.39
CA ALA A 28 1.14 7.30 16.16
C ALA A 28 2.15 6.45 16.96
N PHE A 29 1.69 5.32 17.51
CA PHE A 29 2.63 4.43 18.25
C PHE A 29 3.65 3.84 17.26
N MET A 30 3.19 3.36 16.13
CA MET A 30 4.14 2.80 15.15
C MET A 30 5.09 3.84 14.55
N LYS A 31 4.62 5.08 14.35
CA LYS A 31 5.50 6.19 13.88
C LYS A 31 6.61 6.34 14.95
N GLY A 32 6.21 6.40 16.25
CA GLY A 32 7.20 6.48 17.36
C GLY A 32 8.21 5.35 17.33
N ALA A 33 7.73 4.12 17.10
CA ALA A 33 8.65 2.96 17.00
C ALA A 33 9.65 3.10 15.85
N VAL A 34 9.16 3.48 14.67
CA VAL A 34 10.05 3.68 13.52
C VAL A 34 11.11 4.70 13.88
N GLU A 35 10.67 5.80 14.51
CA GLU A 35 11.59 6.90 14.80
C GLU A 35 12.63 6.55 15.84
N LYS A 36 12.52 5.37 16.46
CA LYS A 36 13.64 4.89 17.30
C LYS A 36 14.87 4.59 16.46
N GLY A 37 14.70 4.41 15.14
CA GLY A 37 15.86 4.26 14.25
C GLY A 37 16.30 2.83 13.97
N GLU A 38 15.75 1.86 14.68
CA GLU A 38 16.09 0.45 14.49
CA GLU A 38 16.09 0.46 14.49
C GLU A 38 15.22 -0.08 13.33
N GLU A 39 15.72 -1.06 12.60
CA GLU A 39 14.92 -1.68 11.53
C GLU A 39 13.68 -2.34 12.16
N LEU A 40 12.64 -2.62 11.35
CA LEU A 40 11.41 -3.24 11.84
C LEU A 40 11.39 -4.70 11.48
N SER A 41 10.92 -5.54 12.39
CA SER A 41 10.72 -6.95 12.07
C SER A 41 9.51 -7.15 11.15
N CSO A 42 9.27 -8.39 10.67
CA CSO A 42 8.12 -8.69 9.83
CA CSO A 42 8.16 -8.60 9.77
CB CSO A 42 8.03 -10.22 9.64
CB CSO A 42 8.31 -10.05 9.19
SG CSO A 42 6.71 -10.54 8.44
SG CSO A 42 6.75 -10.66 8.50
C CSO A 42 6.84 -8.25 10.50
O CSO A 42 5.97 -7.57 9.92
OD CSO A 42 5.59 -11.02 9.35
OD CSO A 42 6.84 -10.22 7.05
N GLU A 43 6.70 -8.64 11.76
CA GLU A 43 5.44 -8.38 12.49
C GLU A 43 5.24 -6.88 12.66
N GLU A 44 6.33 -6.18 12.94
CA GLU A 44 6.26 -4.71 13.17
C GLU A 44 5.96 -3.98 11.86
N ARG A 45 6.52 -4.44 10.72
CA ARG A 45 6.16 -3.86 9.41
C ARG A 45 4.69 -4.01 9.19
N ASN A 46 4.16 -5.18 9.50
CA ASN A 46 2.75 -5.36 9.30
CA ASN A 46 2.75 -5.44 9.38
C ASN A 46 1.93 -4.45 10.19
N LEU A 47 2.39 -4.19 11.44
CA LEU A 47 1.62 -3.27 12.31
C LEU A 47 1.60 -1.86 11.74
N LEU A 48 2.74 -1.44 11.22
CA LEU A 48 2.86 -0.13 10.58
C LEU A 48 1.91 0.01 9.41
N SER A 49 1.89 -1.00 8.53
CA SER A 49 1.02 -0.97 7.38
C SER A 49 -0.47 -0.98 7.76
N VAL A 50 -0.85 -1.87 8.67
CA VAL A 50 -2.28 -1.94 9.12
C VAL A 50 -2.73 -0.57 9.68
N ALA A 51 -1.89 0.03 10.51
CA ALA A 51 -2.28 1.27 11.18
C ALA A 51 -2.55 2.33 10.11
N TYR A 52 -1.56 2.58 9.26
CA TYR A 52 -1.74 3.65 8.28
C TYR A 52 -2.80 3.37 7.21
N LYS A 53 -2.95 2.10 6.83
CA LYS A 53 -3.94 1.78 5.83
CA LYS A 53 -3.96 1.67 5.87
C LYS A 53 -5.34 2.08 6.37
N ASN A 54 -5.58 1.80 7.65
CA ASN A 54 -6.86 2.11 8.25
C ASN A 54 -7.09 3.59 8.39
N VAL A 55 -6.06 4.32 8.83
CA VAL A 55 -6.20 5.80 8.93
C VAL A 55 -6.48 6.43 7.57
N VAL A 56 -5.63 6.15 6.59
CA VAL A 56 -5.82 6.72 5.27
C VAL A 56 -7.08 6.20 4.61
N GLY A 57 -7.46 4.94 4.90
CA GLY A 57 -8.70 4.40 4.32
C GLY A 57 -9.94 5.19 4.77
N GLY A 58 -10.01 5.53 6.05
CA GLY A 58 -11.07 6.44 6.56
C GLY A 58 -11.09 7.79 5.83
N GLN A 59 -9.91 8.36 5.62
CA GLN A 59 -9.80 9.66 4.99
C GLN A 59 -10.23 9.53 3.52
N ARG A 60 -9.81 8.45 2.85
CA ARG A 60 -10.16 8.30 1.42
C ARG A 60 -11.68 8.13 1.27
N ALA A 61 -12.29 7.39 2.17
CA ALA A 61 -13.73 7.13 2.10
C ALA A 61 -14.43 8.45 2.29
N ALA A 62 -13.98 9.23 3.26
CA ALA A 62 -14.60 10.55 3.48
C ALA A 62 -14.41 11.51 2.30
N TRP A 63 -13.18 11.55 1.76
CA TRP A 63 -12.88 12.42 0.61
C TRP A 63 -13.79 12.04 -0.57
N ARG A 64 -14.05 10.75 -0.75
CA ARG A 64 -14.90 10.34 -1.88
C ARG A 64 -16.33 10.79 -1.74
N VAL A 65 -16.85 10.65 -0.54
CA VAL A 65 -18.19 11.15 -0.21
C VAL A 65 -18.26 12.67 -0.51
N LEU A 66 -17.29 13.43 0.01
CA LEU A 66 -17.30 14.89 -0.16
C LEU A 66 -17.10 15.32 -1.62
N SER A 67 -16.21 14.64 -2.33
CA SER A 67 -15.94 14.95 -3.75
CA SER A 67 -15.95 14.96 -3.73
C SER A 67 -17.21 14.73 -4.57
N SER A 68 -17.92 13.67 -4.23
CA SER A 68 -19.16 13.32 -4.92
CA SER A 68 -19.16 13.32 -4.92
C SER A 68 -20.18 14.41 -4.71
N ILE A 69 -20.34 14.84 -3.45
CA ILE A 69 -21.27 15.93 -3.14
C ILE A 69 -20.86 17.21 -3.88
N GLU A 70 -19.57 17.50 -3.90
CA GLU A 70 -19.04 18.71 -4.52
C GLU A 70 -19.34 18.69 -6.01
N GLN A 71 -19.08 17.55 -6.65
CA GLN A 71 -19.28 17.43 -8.09
C GLN A 71 -20.77 17.58 -8.42
N LYS A 72 -21.64 17.02 -7.60
CA LYS A 72 -23.08 17.26 -7.78
C LYS A 72 -23.46 18.74 -7.61
N SER A 73 -22.80 19.43 -6.69
CA SER A 73 -23.10 20.84 -6.44
C SER A 73 -22.58 21.76 -7.55
N ASN A 74 -21.73 21.24 -8.44
CA ASN A 74 -21.14 22.02 -9.52
C ASN A 74 -21.79 21.79 -10.88
N GLY A 82 -22.59 27.74 -1.77
CA GLY A 82 -21.48 28.46 -1.13
C GLY A 82 -20.18 27.65 -1.18
N PRO A 83 -19.14 28.15 -0.52
CA PRO A 83 -17.83 27.52 -0.57
C PRO A 83 -17.68 26.33 0.37
N GLU A 84 -18.70 26.03 1.18
CA GLU A 84 -18.53 25.11 2.28
C GLU A 84 -18.14 23.70 1.85
N VAL A 85 -18.76 23.19 0.78
CA VAL A 85 -18.45 21.77 0.39
C VAL A 85 -17.01 21.70 -0.06
N ARG A 86 -16.61 22.64 -0.89
CA ARG A 86 -15.20 22.69 -1.35
C ARG A 86 -14.26 22.87 -0.16
N GLU A 87 -14.60 23.77 0.77
CA GLU A 87 -13.69 24.00 1.92
C GLU A 87 -13.49 22.73 2.74
N TYR A 88 -14.58 22.02 2.99
CA TYR A 88 -14.49 20.85 3.86
C TYR A 88 -13.80 19.68 3.13
N ARG A 89 -14.10 19.56 1.83
CA ARG A 89 -13.38 18.55 1.02
C ARG A 89 -11.86 18.87 1.03
N GLU A 90 -11.50 20.13 0.88
CA GLU A 90 -10.09 20.56 0.97
CA GLU A 90 -10.09 20.56 0.99
C GLU A 90 -9.47 20.25 2.33
N LYS A 91 -10.24 20.40 3.40
CA LYS A 91 -9.73 20.15 4.76
C LYS A 91 -9.37 18.66 4.88
N VAL A 92 -10.31 17.82 4.47
CA VAL A 92 -10.11 16.38 4.53
C VAL A 92 -8.95 15.98 3.61
N GLU A 93 -8.92 16.56 2.41
CA GLU A 93 -7.83 16.31 1.46
C GLU A 93 -6.46 16.65 2.04
N THR A 94 -6.37 17.78 2.70
CA THR A 94 -5.10 18.25 3.26
C THR A 94 -4.66 17.29 4.36
N GLU A 95 -5.63 16.81 5.15
CA GLU A 95 -5.26 15.91 6.25
CA GLU A 95 -5.35 15.87 6.25
C GLU A 95 -4.80 14.58 5.68
N LEU A 96 -5.48 14.11 4.62
CA LEU A 96 -5.08 12.88 3.91
C LEU A 96 -3.65 13.03 3.37
N GLN A 97 -3.38 14.16 2.73
CA GLN A 97 -2.06 14.43 2.19
C GLN A 97 -1.04 14.44 3.28
N GLY A 98 -1.38 15.02 4.44
CA GLY A 98 -0.45 15.00 5.56
C GLY A 98 -0.08 13.59 6.03
N VAL A 99 -1.06 12.71 6.09
CA VAL A 99 -0.84 11.29 6.51
C VAL A 99 0.06 10.64 5.46
N CYS A 100 -0.25 10.83 4.17
CA CYS A 100 0.61 10.23 3.15
C CYS A 100 2.04 10.75 3.22
N ASP A 101 2.20 12.07 3.38
CA ASP A 101 3.53 12.64 3.51
C ASP A 101 4.25 12.09 4.73
N THR A 102 3.51 11.88 5.82
CA THR A 102 4.13 11.28 7.05
C THR A 102 4.66 9.86 6.74
N VAL A 103 3.83 9.06 6.09
CA VAL A 103 4.29 7.68 5.81
C VAL A 103 5.49 7.72 4.86
N LEU A 104 5.38 8.52 3.79
CA LEU A 104 6.48 8.63 2.84
C LEU A 104 7.76 9.14 3.50
N GLY A 105 7.60 10.01 4.48
CA GLY A 105 8.75 10.48 5.24
C GLY A 105 9.42 9.39 6.07
N LEU A 106 8.63 8.50 6.66
CA LEU A 106 9.15 7.41 7.47
C LEU A 106 9.90 6.47 6.52
N LEU A 107 9.31 6.26 5.33
CA LEU A 107 10.01 5.35 4.35
C LEU A 107 11.34 5.96 3.89
N ASP A 108 11.38 7.27 3.66
CA ASP A 108 12.58 7.92 3.15
C ASP A 108 13.60 8.20 4.26
N SER A 109 13.14 8.17 5.50
CA SER A 109 13.98 8.53 6.66
C SER A 109 13.77 7.57 7.81
N HIS A 110 14.31 6.34 7.76
CA HIS A 110 15.29 5.86 6.78
C HIS A 110 14.99 4.38 6.52
N LEU A 111 13.70 4.01 6.49
CA LEU A 111 13.34 2.61 6.41
C LEU A 111 13.88 1.94 5.12
N ILE A 112 13.67 2.58 3.98
CA ILE A 112 14.00 1.93 2.72
C ILE A 112 15.51 1.79 2.61
N LYS A 113 16.25 2.83 2.97
CA LYS A 113 17.68 2.73 2.72
C LYS A 113 18.35 1.68 3.62
N GLU A 114 17.77 1.34 4.78
CA GLU A 114 18.37 0.29 5.60
CA GLU A 114 18.31 0.33 5.69
C GLU A 114 17.83 -1.09 5.32
N ALA A 115 16.89 -1.18 4.38
CA ALA A 115 16.20 -2.47 4.16
C ALA A 115 16.96 -3.23 3.08
N GLY A 116 17.66 -4.26 3.50
CA GLY A 116 18.52 -5.06 2.60
C GLY A 116 17.95 -6.39 2.19
N ASP A 117 17.11 -6.99 3.03
CA ASP A 117 16.45 -8.24 2.63
C ASP A 117 15.31 -7.96 1.66
N ALA A 118 15.12 -8.87 0.71
CA ALA A 118 13.95 -8.77 -0.18
C ALA A 118 12.62 -8.54 0.51
N GLU A 119 12.30 -9.31 1.58
CA GLU A 119 10.98 -9.17 2.19
CA GLU A 119 11.01 -9.18 2.27
C GLU A 119 10.78 -7.75 2.76
N SER A 120 11.82 -7.14 3.32
CA SER A 120 11.65 -5.79 3.86
CA SER A 120 11.67 -5.80 3.87
C SER A 120 11.66 -4.76 2.77
N ARG A 121 12.60 -4.85 1.83
CA ARG A 121 12.72 -3.81 0.80
C ARG A 121 11.50 -3.75 -0.13
N VAL A 122 11.02 -4.94 -0.53
CA VAL A 122 9.77 -5.01 -1.32
C VAL A 122 8.58 -4.46 -0.55
N PHE A 123 8.46 -4.81 0.74
CA PHE A 123 7.35 -4.29 1.57
CA PHE A 123 7.34 -4.31 1.57
C PHE A 123 7.35 -2.76 1.58
N TYR A 124 8.52 -2.17 1.83
CA TYR A 124 8.54 -0.70 1.97
C TYR A 124 8.37 -0.02 0.64
N LEU A 125 8.93 -0.61 -0.43
CA LEU A 125 8.73 0.04 -1.76
C LEU A 125 7.28 -0.07 -2.18
N LYS A 126 6.63 -1.19 -1.90
CA LYS A 126 5.17 -1.28 -2.16
C LYS A 126 4.42 -0.17 -1.39
N MET A 127 4.74 -0.02 -0.09
CA MET A 127 4.12 1.07 0.69
CA MET A 127 4.14 1.05 0.71
C MET A 127 4.36 2.43 0.05
N LYS A 128 5.57 2.70 -0.42
CA LYS A 128 5.85 3.94 -1.09
C LYS A 128 4.95 4.12 -2.33
N GLY A 129 4.81 3.07 -3.13
CA GLY A 129 3.86 3.08 -4.26
C GLY A 129 2.44 3.37 -3.80
N ASP A 130 2.00 2.72 -2.73
CA ASP A 130 0.62 2.87 -2.26
C ASP A 130 0.34 4.31 -1.80
N TYR A 131 1.26 4.86 -1.02
CA TYR A 131 1.03 6.25 -0.52
C TYR A 131 1.15 7.35 -1.60
N TYR A 132 2.02 7.19 -2.60
CA TYR A 132 1.98 8.09 -3.73
C TYR A 132 0.70 7.86 -4.52
N ARG A 133 0.21 6.61 -4.59
CA ARG A 133 -1.06 6.35 -5.27
C ARG A 133 -2.21 7.12 -4.56
N TYR A 134 -2.21 7.13 -3.23
CA TYR A 134 -3.27 7.84 -2.50
C TYR A 134 -3.14 9.33 -2.75
N LEU A 135 -1.90 9.85 -2.79
CA LEU A 135 -1.72 11.26 -3.21
C LEU A 135 -2.25 11.48 -4.60
N ALA A 136 -1.99 10.52 -5.51
CA ALA A 136 -2.45 10.72 -6.90
C ALA A 136 -3.97 10.78 -7.04
N GLU A 137 -4.69 10.08 -6.16
CA GLU A 137 -6.15 10.00 -6.23
C GLU A 137 -6.75 11.40 -6.05
N VAL A 138 -6.06 12.24 -5.29
CA VAL A 138 -6.60 13.60 -4.98
C VAL A 138 -5.89 14.71 -5.73
N ALA A 139 -4.88 14.37 -6.52
CA ALA A 139 -4.03 15.36 -7.19
C ALA A 139 -4.68 15.86 -8.47
N THR A 140 -4.43 17.06 -8.95
N THR A 140 -4.46 17.17 -8.64
CA THR A 140 -4.91 17.29 -10.34
CA THR A 140 -5.04 18.06 -9.66
C THR A 140 -3.77 17.71 -11.29
C THR A 140 -4.07 19.12 -10.29
N GLY A 141 -4.04 17.71 -12.60
N GLY A 141 -2.90 19.37 -9.69
CA GLY A 141 -3.12 18.35 -13.56
CA GLY A 141 -2.03 20.48 -10.12
C GLY A 141 -1.77 17.68 -13.71
C GLY A 141 -0.76 20.19 -10.95
N ASP A 142 -0.70 18.47 -13.89
N ASP A 142 0.19 21.12 -10.90
CA ASP A 142 0.62 17.84 -14.05
CA ASP A 142 1.46 21.01 -11.66
C ASP A 142 1.40 17.64 -12.74
C ASP A 142 2.17 19.67 -11.38
N ASP A 143 1.24 18.54 -11.76
N ASP A 143 1.88 19.08 -10.22
CA ASP A 143 1.86 18.27 -10.44
CA ASP A 143 2.49 17.81 -9.80
C ASP A 143 1.69 16.76 -10.22
C ASP A 143 1.68 16.45 -9.94
N LYS A 144 0.45 16.39 -10.47
CA LYS A 144 -0.16 15.07 -10.59
C LYS A 144 0.65 14.03 -11.38
N LYS A 145 1.29 14.47 -12.46
CA LYS A 145 2.02 13.52 -13.30
C LYS A 145 3.23 13.06 -12.60
N ARG A 146 3.89 13.96 -11.88
CA ARG A 146 5.09 13.56 -11.17
C ARG A 146 4.70 12.63 -10.01
N ILE A 147 3.51 12.82 -9.43
CA ILE A 147 3.08 11.97 -8.31
C ILE A 147 2.82 10.53 -8.82
N ILE A 148 2.13 10.44 -9.95
CA ILE A 148 1.83 9.20 -10.62
C ILE A 148 3.15 8.51 -10.96
N ASP A 149 4.11 9.26 -11.49
CA ASP A 149 5.39 8.60 -11.82
CA ASP A 149 5.44 8.74 -11.83
C ASP A 149 6.14 8.14 -10.59
N SER A 150 6.00 8.85 -9.46
CA SER A 150 6.64 8.38 -8.24
C SER A 150 6.03 7.08 -7.79
N ALA A 151 4.69 6.98 -7.88
CA ALA A 151 4.03 5.69 -7.50
C ALA A 151 4.55 4.56 -8.43
N ARG A 152 4.51 4.81 -9.74
CA ARG A 152 4.97 3.84 -10.77
CA ARG A 152 4.94 3.80 -10.74
C ARG A 152 6.38 3.34 -10.47
N SER A 153 7.29 4.29 -10.27
CA SER A 153 8.71 3.99 -10.04
CA SER A 153 8.70 3.97 -10.06
C SER A 153 8.90 3.11 -8.81
N ALA A 154 8.19 3.43 -7.73
CA ALA A 154 8.30 2.65 -6.50
C ALA A 154 7.79 1.21 -6.71
N TYR A 155 6.58 1.11 -7.26
CA TYR A 155 6.01 -0.20 -7.58
C TYR A 155 6.92 -0.98 -8.50
N GLN A 156 7.52 -0.32 -9.47
CA GLN A 156 8.35 -1.02 -10.47
C GLN A 156 9.62 -1.59 -9.84
N GLU A 157 10.26 -0.80 -8.96
CA GLU A 157 11.47 -1.29 -8.26
CA GLU A 157 11.46 -1.29 -8.24
C GLU A 157 11.08 -2.48 -7.37
N ALA A 158 9.91 -2.38 -6.72
CA ALA A 158 9.44 -3.45 -5.85
C ALA A 158 9.23 -4.70 -6.70
N MET A 159 8.61 -4.52 -7.87
CA MET A 159 8.29 -5.67 -8.72
CA MET A 159 8.29 -5.64 -8.76
C MET A 159 9.58 -6.32 -9.19
N ASP A 160 10.55 -5.49 -9.60
CA ASP A 160 11.81 -6.07 -10.12
C ASP A 160 12.51 -6.93 -9.05
N ILE A 161 12.57 -6.42 -7.81
CA ILE A 161 13.16 -7.22 -6.72
C ILE A 161 12.32 -8.46 -6.42
N SER A 162 10.98 -8.31 -6.37
CA SER A 162 10.10 -9.41 -6.04
C SER A 162 10.28 -10.57 -7.05
N LYS A 163 10.43 -10.22 -8.32
CA LYS A 163 10.51 -11.26 -9.34
C LYS A 163 11.85 -12.00 -9.29
N LYS A 164 12.90 -11.31 -8.85
CA LYS A 164 14.23 -11.90 -8.75
CA LYS A 164 14.23 -11.89 -8.76
C LYS A 164 14.41 -12.72 -7.47
N GLU A 165 13.78 -12.27 -6.38
CA GLU A 165 14.10 -12.75 -5.04
CA GLU A 165 14.13 -12.77 -5.06
C GLU A 165 13.02 -13.54 -4.34
N MET A 166 11.80 -13.54 -4.85
CA MET A 166 10.73 -14.22 -4.10
C MET A 166 10.01 -15.17 -5.01
N PRO A 167 9.39 -16.23 -4.44
CA PRO A 167 8.57 -17.14 -5.23
C PRO A 167 7.27 -16.46 -5.63
N PRO A 168 6.64 -16.94 -6.72
CA PRO A 168 5.45 -16.28 -7.22
C PRO A 168 4.28 -16.35 -6.29
N THR A 169 4.31 -17.24 -5.30
CA THR A 169 3.23 -17.29 -4.30
C THR A 169 3.47 -16.46 -3.04
N ASN A 170 4.66 -15.86 -2.93
CA ASN A 170 4.93 -15.04 -1.75
C ASN A 170 3.83 -13.96 -1.53
N PRO A 171 3.19 -13.91 -0.36
CA PRO A 171 2.08 -12.97 -0.18
C PRO A 171 2.44 -11.50 -0.34
N ILE A 172 3.67 -11.12 0.01
CA ILE A 172 4.07 -9.72 -0.23
CA ILE A 172 4.19 -9.77 -0.23
C ILE A 172 4.18 -9.46 -1.74
N ARG A 173 4.76 -10.40 -2.48
CA ARG A 173 4.83 -10.29 -3.96
C ARG A 173 3.43 -10.23 -4.55
N LEU A 174 2.52 -11.07 -4.05
CA LEU A 174 1.12 -11.08 -4.54
C LEU A 174 0.40 -9.78 -4.26
N GLY A 175 0.55 -9.27 -3.03
CA GLY A 175 -0.10 -8.00 -2.66
C GLY A 175 0.46 -6.84 -3.46
N LEU A 176 1.76 -6.88 -3.73
CA LEU A 176 2.37 -5.83 -4.52
C LEU A 176 1.78 -5.85 -5.92
N ALA A 177 1.72 -7.04 -6.54
CA ALA A 177 1.15 -7.09 -7.88
C ALA A 177 -0.33 -6.69 -7.94
N LEU A 178 -1.09 -7.13 -6.95
CA LEU A 178 -2.48 -6.71 -6.80
C LEU A 178 -2.55 -5.18 -6.81
N ASN A 179 -1.75 -4.55 -5.96
CA ASN A 179 -1.87 -3.08 -5.82
C ASN A 179 -1.33 -2.34 -7.04
N PHE A 180 -0.28 -2.88 -7.68
CA PHE A 180 0.21 -2.25 -8.88
C PHE A 180 -0.84 -2.39 -10.00
N SER A 181 -1.54 -3.51 -10.03
CA SER A 181 -2.61 -3.67 -11.04
CA SER A 181 -2.63 -3.67 -11.02
CA SER A 181 -2.62 -3.68 -11.01
C SER A 181 -3.71 -2.63 -10.80
N VAL A 182 -4.05 -2.39 -9.53
CA VAL A 182 -5.04 -1.34 -9.20
C VAL A 182 -4.53 0.03 -9.61
N PHE A 183 -3.24 0.30 -9.39
CA PHE A 183 -2.63 1.54 -9.85
C PHE A 183 -2.86 1.65 -11.36
N HIS A 184 -2.54 0.58 -12.13
CA HIS A 184 -2.70 0.72 -13.56
C HIS A 184 -4.15 1.02 -13.94
N TYR A 185 -5.10 0.34 -13.31
CA TYR A 185 -6.51 0.44 -13.71
C TYR A 185 -7.15 1.79 -13.30
N GLU A 186 -6.87 2.20 -12.08
CA GLU A 186 -7.52 3.38 -11.50
C GLU A 186 -6.74 4.69 -11.66
N ILE A 187 -5.43 4.63 -11.74
CA ILE A 187 -4.66 5.87 -11.76
C ILE A 187 -4.05 6.13 -13.12
N ALA A 188 -3.47 5.09 -13.75
CA ALA A 188 -2.63 5.30 -14.91
C ALA A 188 -3.46 5.17 -16.18
N ASN A 189 -4.75 4.89 -16.04
CA ASN A 189 -5.67 4.71 -17.19
CA ASN A 189 -5.65 4.73 -17.20
C ASN A 189 -5.10 3.65 -18.14
N SER A 190 -4.64 2.56 -17.55
CA SER A 190 -4.01 1.47 -18.33
C SER A 190 -4.70 0.18 -17.96
N PRO A 191 -6.00 0.05 -18.28
CA PRO A 191 -6.70 -1.14 -17.82
C PRO A 191 -6.17 -2.41 -18.48
N GLU A 192 -5.62 -2.34 -19.68
CA GLU A 192 -5.03 -3.57 -20.26
C GLU A 192 -3.80 -4.03 -19.50
N GLU A 193 -2.96 -3.08 -19.09
CA GLU A 193 -1.80 -3.41 -18.25
C GLU A 193 -2.26 -4.00 -16.92
N ALA A 194 -3.33 -3.45 -16.36
CA ALA A 194 -3.90 -3.96 -15.08
C ALA A 194 -4.34 -5.40 -15.16
N ILE A 195 -5.07 -5.68 -16.23
CA ILE A 195 -5.64 -7.02 -16.45
C ILE A 195 -4.48 -7.98 -16.73
N SER A 196 -3.54 -7.60 -17.57
CA SER A 196 -2.40 -8.47 -17.91
CA SER A 196 -2.39 -8.46 -17.89
C SER A 196 -1.59 -8.82 -16.66
N LEU A 197 -1.33 -7.79 -15.84
CA LEU A 197 -0.55 -8.03 -14.64
C LEU A 197 -1.31 -8.95 -13.67
N ALA A 198 -2.60 -8.70 -13.49
CA ALA A 198 -3.35 -9.51 -12.52
C ALA A 198 -3.43 -10.99 -13.02
N LYS A 199 -3.63 -11.16 -14.33
CA LYS A 199 -3.76 -12.50 -14.91
CA LYS A 199 -3.75 -12.50 -14.93
C LYS A 199 -2.44 -13.30 -14.83
N THR A 200 -1.34 -12.70 -15.26
CA THR A 200 -0.03 -13.34 -15.18
CA THR A 200 -0.03 -13.38 -15.14
C THR A 200 0.35 -13.66 -13.70
N THR A 201 0.11 -12.69 -12.82
CA THR A 201 0.38 -12.96 -11.39
C THR A 201 -0.42 -14.14 -10.86
N PHE A 202 -1.70 -14.17 -11.20
CA PHE A 202 -2.58 -15.22 -10.71
C PHE A 202 -2.08 -16.59 -11.24
N ASP A 203 -1.78 -16.63 -12.53
CA ASP A 203 -1.43 -17.90 -13.20
C ASP A 203 -0.08 -18.42 -12.67
N GLU A 204 0.88 -17.52 -12.50
CA GLU A 204 2.18 -17.94 -12.00
CA GLU A 204 2.20 -17.91 -11.99
C GLU A 204 2.09 -18.40 -10.53
N ALA A 205 1.22 -17.77 -9.74
CA ALA A 205 1.04 -18.25 -8.36
C ALA A 205 0.34 -19.63 -8.38
N MET A 206 -0.70 -19.77 -9.20
CA MET A 206 -1.38 -21.07 -9.23
CA MET A 206 -1.40 -21.07 -9.33
C MET A 206 -0.38 -22.21 -9.49
N ALA A 207 0.53 -22.02 -10.42
CA ALA A 207 1.52 -23.06 -10.79
C ALA A 207 2.55 -23.37 -9.70
N ASP A 208 2.65 -22.51 -8.68
CA ASP A 208 3.64 -22.66 -7.61
CA ASP A 208 3.63 -22.73 -7.61
C ASP A 208 2.94 -23.14 -6.29
N LEU A 209 1.60 -23.22 -6.30
CA LEU A 209 0.90 -23.63 -5.07
C LEU A 209 1.32 -25.01 -4.56
N HIS A 210 1.67 -25.90 -5.47
CA HIS A 210 2.00 -27.28 -5.11
C HIS A 210 3.19 -27.37 -4.15
N THR A 211 4.00 -26.29 -4.07
CA THR A 211 5.18 -26.26 -3.22
C THR A 211 4.89 -25.86 -1.77
N LEU A 212 3.65 -25.47 -1.49
CA LEU A 212 3.29 -24.86 -0.22
C LEU A 212 2.71 -25.81 0.82
N SER A 213 2.99 -25.51 2.08
CA SER A 213 2.21 -26.06 3.19
C SER A 213 0.77 -25.58 3.18
N GLU A 214 -0.08 -26.25 3.98
CA GLU A 214 -1.47 -25.89 4.10
CA GLU A 214 -1.48 -25.86 4.04
C GLU A 214 -1.62 -24.41 4.51
N ASP A 215 -0.79 -23.98 5.46
CA ASP A 215 -0.97 -22.62 5.97
C ASP A 215 -0.51 -21.56 4.95
N SER A 216 0.63 -21.78 4.33
CA SER A 216 1.12 -20.92 3.24
C SER A 216 0.13 -20.93 2.07
N TYR A 217 -0.39 -22.11 1.72
CA TYR A 217 -1.42 -22.18 0.65
CA TYR A 217 -1.43 -22.20 0.68
C TYR A 217 -2.60 -21.27 0.99
N LYS A 218 -3.06 -21.31 2.24
CA LYS A 218 -4.17 -20.47 2.66
CA LYS A 218 -4.16 -20.47 2.65
C LYS A 218 -3.80 -18.99 2.49
N ASP A 219 -2.60 -18.60 2.91
CA ASP A 219 -2.18 -17.17 2.80
C ASP A 219 -2.18 -16.72 1.33
N SER A 220 -1.60 -17.56 0.47
CA SER A 220 -1.46 -17.20 -0.98
C SER A 220 -2.78 -17.20 -1.71
N THR A 221 -3.60 -18.21 -1.45
CA THR A 221 -4.85 -18.30 -2.19
C THR A 221 -5.77 -17.15 -1.79
N LEU A 222 -5.65 -16.64 -0.56
CA LEU A 222 -6.49 -15.51 -0.13
CA LEU A 222 -6.50 -15.50 -0.15
C LEU A 222 -6.24 -14.29 -1.06
N ILE A 223 -4.97 -14.01 -1.34
CA ILE A 223 -4.64 -12.85 -2.19
C ILE A 223 -4.92 -13.17 -3.62
N MET A 224 -4.75 -14.42 -4.04
CA MET A 224 -5.11 -14.80 -5.42
C MET A 224 -6.61 -14.54 -5.68
N GLN A 225 -7.43 -14.75 -4.65
CA GLN A 225 -8.87 -14.50 -4.78
C GLN A 225 -9.15 -12.99 -5.01
N LEU A 226 -8.38 -12.14 -4.35
CA LEU A 226 -8.46 -10.70 -4.59
C LEU A 226 -8.10 -10.35 -6.05
N LEU A 227 -7.03 -10.98 -6.58
CA LEU A 227 -6.68 -10.79 -7.97
C LEU A 227 -7.84 -11.26 -8.87
N ARG A 228 -8.41 -12.43 -8.55
CA ARG A 228 -9.55 -12.93 -9.33
CA ARG A 228 -9.57 -12.94 -9.29
C ARG A 228 -10.76 -11.99 -9.26
N ASP A 229 -11.06 -11.47 -8.07
CA ASP A 229 -12.18 -10.53 -7.88
C ASP A 229 -12.01 -9.28 -8.76
N ASN A 230 -10.78 -8.76 -8.82
CA ASN A 230 -10.53 -7.62 -9.69
C ASN A 230 -10.70 -7.97 -11.17
N LEU A 231 -10.14 -9.10 -11.60
CA LEU A 231 -10.29 -9.51 -12.99
C LEU A 231 -11.76 -9.64 -13.38
N THR A 232 -12.56 -10.13 -12.43
CA THR A 232 -14.01 -10.25 -12.65
C THR A 232 -14.68 -8.88 -12.76
N LEU A 233 -14.25 -7.92 -11.95
CA LEU A 233 -14.75 -6.57 -12.02
CA LEU A 233 -14.74 -6.55 -12.02
C LEU A 233 -14.35 -5.92 -13.35
N TRP A 234 -13.15 -6.24 -13.84
CA TRP A 234 -12.56 -5.52 -14.96
C TRP A 234 -12.80 -6.11 -16.33
N THR A 235 -13.27 -7.35 -16.38
CA THR A 235 -13.51 -8.01 -17.64
C THR A 235 -14.98 -8.41 -17.75
MG MG B . 15.16 2.06 25.06
MG MG C . -5.92 20.71 -2.19
MG MG D . 19.47 -3.67 6.95
CL CL E . -0.33 5.49 26.50
CL CL F . 20.90 -1.82 2.93
C1 GOL G . -7.75 -19.98 -4.77
O1 GOL G . -7.90 -18.59 -5.16
C2 GOL G . -7.75 -20.97 -5.95
O2 GOL G . -7.71 -20.32 -7.23
C3 GOL G . -6.58 -21.92 -5.87
O3 GOL G . -6.95 -23.08 -6.62
OAS Y03 H . -4.97 0.13 -1.58
PAR Y03 H . -6.48 0.09 -2.10
OAU Y03 H . -6.93 1.16 -3.14
OAT Y03 H . -7.32 0.31 -0.85
CAM Y03 H . -6.79 -1.56 -2.89
CAN Y03 H . -5.75 -2.45 -3.16
CAO Y03 H . -6.02 -3.69 -3.75
CAP Y03 H . -7.34 -4.06 -4.10
CAQ Y03 H . -8.37 -3.15 -3.83
CAL Y03 H . -8.08 -1.91 -3.23
OAK Y03 H . -9.03 -0.98 -2.95
CAA Y03 H . -10.41 -1.35 -2.78
CAB Y03 H . -11.04 -0.35 -1.81
OAD Y03 H . -12.26 -0.35 -1.63
NAC Y03 H . -10.18 0.48 -1.22
CAE Y03 H . -10.58 1.36 -0.29
CAF Y03 H . -11.12 2.56 -0.66
CAG Y03 H . -11.51 3.47 0.33
CL1 Y03 H . -12.18 4.87 -0.14
CAH Y03 H . -11.36 3.19 1.67
CAI Y03 H . -10.81 1.99 2.04
CL2 Y03 H . -10.63 1.65 3.71
CAJ Y03 H . -10.40 1.06 1.07
#